data_6HAG
#
_entry.id   6HAG
#
loop_
_entity.id
_entity.type
_entity.pdbx_description
1 polymer 'SAM Riboswitch'
2 non-polymer S-ADENOSYL-L-HOMOCYSTEINE
#
_entity_poly.entity_id   1
_entity_poly.type   'polyribonucleotide'
_entity_poly.pdbx_seq_one_letter_code
;GUCACAACGGCUUCCUGACGUGGCAGAUUGAAUUAUUGGAGCA
;
_entity_poly.pdbx_strand_id   A
#